data_3OTS
#
_entry.id   3OTS
#
_cell.length_a   45.774
_cell.length_b   45.774
_cell.length_c   102.074
_cell.angle_alpha   90.00
_cell.angle_beta   90.00
_cell.angle_gamma   90.00
#
_symmetry.space_group_name_H-M   'P 41'
#
loop_
_entity.id
_entity.type
_entity.pdbx_description
1 polymer 'Multi-drug resistant HIV-1 protease'
2 polymer 'MA/CA substrate peptide'
3 water water
#
loop_
_entity_poly.entity_id
_entity_poly.type
_entity_poly.pdbx_seq_one_letter_code
_entity_poly.pdbx_strand_id
1 'polypeptide(L)'
;PQITLWQRPIVTIKIGGQLKEALLNTGADDTVLEEVNLPGRWKPKLIGGIGGFVKVRQYDQVPIEICGHKVIGTVLVGPT
PANVIGRNLMTQIGCTLNF
;
A,B
2 'polypeptide(L)' QNYPIVQ P
#
# COMPACT_ATOMS: atom_id res chain seq x y z
N PRO A 1 -9.81 -13.68 8.19
CA PRO A 1 -9.79 -12.76 9.33
C PRO A 1 -10.24 -11.36 8.95
N GLN A 2 -10.58 -10.55 9.95
CA GLN A 2 -10.76 -9.12 9.76
C GLN A 2 -9.57 -8.44 10.41
N ILE A 3 -8.84 -7.67 9.61
CA ILE A 3 -7.58 -7.03 10.05
C ILE A 3 -7.76 -5.51 10.10
N THR A 4 -7.68 -4.96 11.31
CA THR A 4 -7.73 -3.52 11.47
C THR A 4 -6.35 -2.92 11.16
N LEU A 5 -6.32 -1.61 10.91
CA LEU A 5 -5.12 -1.03 10.32
C LEU A 5 -4.33 -0.11 11.27
N TRP A 6 -4.51 -0.31 12.58
CA TRP A 6 -3.75 0.48 13.57
C TRP A 6 -2.26 0.17 13.54
N GLN A 7 -1.93 -1.08 13.16
CA GLN A 7 -0.57 -1.53 12.93
C GLN A 7 -0.42 -1.94 11.45
N ARG A 8 0.82 -2.15 11.02
CA ARG A 8 1.06 -2.65 9.66
C ARG A 8 0.49 -4.05 9.50
N PRO A 9 -0.29 -4.28 8.42
CA PRO A 9 -0.93 -5.59 8.19
C PRO A 9 0.07 -6.63 7.66
N ILE A 10 0.90 -7.10 8.57
CA ILE A 10 1.93 -8.12 8.28
C ILE A 10 1.35 -9.50 8.61
N VAL A 11 1.47 -10.41 7.65
CA VAL A 11 0.94 -11.75 7.80
C VAL A 11 2.02 -12.78 7.47
N THR A 12 1.78 -14.01 7.94
CA THR A 12 2.67 -15.14 7.64
C THR A 12 2.29 -15.74 6.29
N ILE A 13 3.33 -16.10 5.55
CA ILE A 13 3.17 -16.72 4.25
C ILE A 13 4.06 -17.95 4.17
N LYS A 14 3.67 -18.90 3.32
CA LYS A 14 4.51 -20.06 2.99
C LYS A 14 4.80 -19.99 1.49
N ILE A 15 6.07 -19.94 1.13
CA ILE A 15 6.46 -19.87 -0.27
C ILE A 15 7.81 -20.56 -0.47
N GLY A 16 7.90 -21.34 -1.54
CA GLY A 16 9.14 -21.99 -1.92
C GLY A 16 9.66 -22.89 -0.82
N GLY A 17 8.76 -23.44 -0.02
CA GLY A 17 9.12 -24.28 1.14
C GLY A 17 9.63 -23.52 2.37
N GLN A 18 9.49 -22.20 2.38
CA GLN A 18 9.97 -21.38 3.49
C GLN A 18 8.79 -20.65 4.14
N LEU A 19 8.90 -20.35 5.42
CA LEU A 19 7.95 -19.47 6.11
C LEU A 19 8.51 -18.06 6.12
N LYS A 20 7.71 -17.08 5.71
CA LYS A 20 8.15 -15.71 5.69
C LYS A 20 7.03 -14.82 6.21
N GLU A 21 7.31 -13.52 6.33
CA GLU A 21 6.30 -12.52 6.70
C GLU A 21 6.22 -11.54 5.56
N ALA A 22 5.02 -11.02 5.29
CA ALA A 22 4.87 -10.02 4.23
C ALA A 22 3.75 -9.07 4.59
N LEU A 23 3.81 -7.89 3.97
CA LEU A 23 2.87 -6.80 4.22
C LEU A 23 1.74 -6.83 3.19
N LEU A 24 0.50 -6.90 3.66
CA LEU A 24 -0.67 -6.82 2.78
C LEU A 24 -0.79 -5.38 2.30
N ASN A 25 -0.50 -5.13 1.03
CA ASN A 25 -0.30 -3.78 0.52
C ASN A 25 -1.22 -3.44 -0.64
N THR A 26 -2.34 -2.79 -0.33
CA THR A 26 -3.32 -2.47 -1.35
C THR A 26 -2.81 -1.39 -2.33
N GLY A 27 -1.74 -0.72 -1.96
CA GLY A 27 -1.11 0.25 -2.87
C GLY A 27 -0.15 -0.36 -3.88
N ALA A 28 0.08 -1.66 -3.78
CA ALA A 28 1.02 -2.34 -4.67
C ALA A 28 0.26 -3.20 -5.66
N ASP A 29 0.55 -3.03 -6.96
CA ASP A 29 -0.09 -3.87 -8.00
C ASP A 29 0.41 -5.30 -7.87
N ASP A 30 1.71 -5.44 -7.58
CA ASP A 30 2.39 -6.75 -7.67
C ASP A 30 2.93 -7.21 -6.31
N THR A 31 3.25 -8.49 -6.23
CA THR A 31 3.83 -9.09 -5.05
C THR A 31 5.35 -9.21 -5.25
N VAL A 32 6.10 -8.68 -4.29
CA VAL A 32 7.58 -8.69 -4.38
C VAL A 32 8.14 -9.27 -3.11
N LEU A 33 8.95 -10.31 -3.24
CA LEU A 33 9.51 -11.00 -2.09
C LEU A 33 11.01 -11.16 -2.28
N GLU A 34 11.75 -11.01 -1.19
CA GLU A 34 13.22 -11.19 -1.18
C GLU A 34 13.62 -12.58 -0.67
N GLU A 35 14.80 -13.02 -1.09
CA GLU A 35 15.42 -14.26 -0.58
C GLU A 35 14.53 -15.51 -0.57
N VAL A 36 13.91 -15.74 -1.71
CA VAL A 36 13.19 -16.98 -1.92
C VAL A 36 13.79 -17.63 -3.15
N ASN A 37 13.85 -18.95 -3.11
CA ASN A 37 14.45 -19.69 -4.20
C ASN A 37 13.32 -20.50 -4.80
N LEU A 38 12.75 -20.00 -5.89
CA LEU A 38 11.63 -20.67 -6.53
C LEU A 38 12.11 -21.55 -7.67
N PRO A 39 11.47 -22.72 -7.86
CA PRO A 39 11.85 -23.60 -8.97
C PRO A 39 11.12 -23.22 -10.26
N GLY A 40 11.52 -23.77 -11.39
CA GLY A 40 10.72 -23.44 -12.59
C GLY A 40 11.03 -22.09 -13.22
N ARG A 41 10.25 -21.71 -14.23
CA ARG A 41 10.77 -20.70 -15.16
C ARG A 41 10.54 -19.28 -14.69
N TRP A 42 11.41 -18.37 -15.12
CA TRP A 42 11.23 -16.95 -14.80
C TRP A 42 11.70 -16.09 -15.98
N LYS A 43 11.33 -14.82 -15.94
CA LYS A 43 11.82 -13.82 -16.90
C LYS A 43 12.12 -12.55 -16.12
N PRO A 44 13.12 -11.76 -16.56
CA PRO A 44 13.34 -10.47 -15.87
C PRO A 44 12.20 -9.50 -16.11
N LYS A 45 11.94 -8.66 -15.11
CA LYS A 45 10.92 -7.62 -15.20
C LYS A 45 11.50 -6.39 -14.55
N LEU A 46 11.29 -5.23 -15.19
CA LEU A 46 11.63 -3.95 -14.59
C LEU A 46 10.42 -3.37 -13.86
N ILE A 47 10.64 -3.03 -12.59
CA ILE A 47 9.59 -2.44 -11.76
C ILE A 47 10.08 -1.12 -11.16
N GLY A 48 9.24 -0.51 -10.32
CA GLY A 48 9.51 0.86 -9.85
C GLY A 48 9.54 1.77 -11.05
N GLY A 49 10.52 2.65 -11.10
CA GLY A 49 10.55 3.71 -12.12
C GLY A 49 11.00 5.06 -11.57
N ILE A 50 10.96 5.23 -10.25
CA ILE A 50 11.55 6.42 -9.63
C ILE A 50 13.07 6.19 -9.46
N GLY A 51 13.89 7.17 -9.91
CA GLY A 51 15.38 7.14 -9.79
C GLY A 51 16.11 6.18 -10.74
N GLY A 52 15.31 5.44 -11.48
CA GLY A 52 15.78 4.37 -12.35
C GLY A 52 14.76 3.27 -12.21
N PHE A 53 15.08 2.07 -12.69
CA PHE A 53 14.21 0.92 -12.50
C PHE A 53 14.94 -0.13 -11.67
N VAL A 54 14.18 -1.03 -11.05
CA VAL A 54 14.75 -2.18 -10.36
C VAL A 54 14.38 -3.43 -11.16
N LYS A 55 15.34 -4.33 -11.35
CA LYS A 55 15.09 -5.55 -12.14
C LYS A 55 14.85 -6.69 -11.17
N VAL A 56 13.75 -7.41 -11.39
CA VAL A 56 13.40 -8.55 -10.55
C VAL A 56 13.17 -9.75 -11.45
N ARG A 57 13.08 -10.93 -10.84
CA ARG A 57 12.72 -12.14 -11.57
C ARG A 57 11.22 -12.38 -11.40
N GLN A 58 10.52 -12.47 -12.53
CA GLN A 58 9.08 -12.76 -12.55
C GLN A 58 8.82 -14.26 -12.69
N TYR A 59 8.19 -14.84 -11.67
CA TYR A 59 7.75 -16.24 -11.72
C TYR A 59 6.24 -16.23 -11.80
N ASP A 60 5.70 -16.92 -12.80
CA ASP A 60 4.25 -16.97 -12.95
C ASP A 60 3.63 -18.18 -12.26
N GLN A 61 2.36 -18.03 -11.86
CA GLN A 61 1.56 -19.13 -11.32
C GLN A 61 2.29 -19.88 -10.20
N VAL A 62 2.79 -19.14 -9.23
CA VAL A 62 3.50 -19.70 -8.08
C VAL A 62 2.50 -20.08 -6.98
N PRO A 63 2.54 -21.32 -6.51
CA PRO A 63 1.70 -21.64 -5.35
C PRO A 63 2.24 -20.93 -4.10
N ILE A 64 1.35 -20.31 -3.36
CA ILE A 64 1.74 -19.60 -2.16
C ILE A 64 0.58 -19.67 -1.17
N GLU A 65 0.91 -19.79 0.10
CA GLU A 65 -0.09 -19.78 1.17
C GLU A 65 0.03 -18.46 1.94
N ILE A 66 -1.10 -17.77 2.09
CA ILE A 66 -1.08 -16.44 2.68
C ILE A 66 -2.10 -16.46 3.78
N CYS A 67 -1.61 -16.39 5.02
CA CYS A 67 -2.45 -16.39 6.17
C CYS A 67 -3.45 -17.56 6.05
N GLY A 68 -2.95 -18.76 5.75
CA GLY A 68 -3.77 -19.97 5.71
C GLY A 68 -4.53 -20.26 4.42
N HIS A 69 -4.45 -19.33 3.48
CA HIS A 69 -5.16 -19.47 2.19
C HIS A 69 -4.17 -19.87 1.10
N LYS A 70 -4.35 -21.07 0.56
CA LYS A 70 -3.49 -21.60 -0.50
C LYS A 70 -4.00 -21.09 -1.84
N VAL A 71 -3.18 -20.27 -2.49
CA VAL A 71 -3.55 -19.68 -3.78
C VAL A 71 -2.39 -19.81 -4.78
N ILE A 72 -2.61 -19.22 -5.95
CA ILE A 72 -1.65 -19.20 -7.05
C ILE A 72 -1.58 -17.79 -7.62
N GLY A 73 -0.35 -17.31 -7.87
CA GLY A 73 -0.25 -16.03 -8.57
C GLY A 73 1.20 -15.71 -8.90
N THR A 74 1.39 -14.62 -9.63
CA THR A 74 2.73 -14.17 -10.01
C THR A 74 3.49 -13.63 -8.77
N VAL A 75 4.75 -14.04 -8.62
CA VAL A 75 5.58 -13.52 -7.54
C VAL A 75 6.85 -12.97 -8.18
N LEU A 76 7.17 -11.71 -7.87
CA LEU A 76 8.40 -11.09 -8.31
C LEU A 76 9.41 -11.34 -7.19
N VAL A 77 10.61 -11.79 -7.56
CA VAL A 77 11.63 -12.06 -6.56
C VAL A 77 12.82 -11.11 -6.78
N GLY A 78 13.13 -10.36 -5.74
CA GLY A 78 14.26 -9.43 -5.76
C GLY A 78 14.33 -8.67 -4.46
N PRO A 79 15.44 -7.95 -4.25
CA PRO A 79 15.61 -7.28 -2.96
C PRO A 79 14.53 -6.21 -2.85
N THR A 80 13.87 -6.16 -1.72
CA THR A 80 12.81 -5.19 -1.56
C THR A 80 12.90 -4.77 -0.11
N PRO A 81 12.69 -3.48 0.17
CA PRO A 81 12.80 -3.05 1.55
C PRO A 81 11.90 -3.83 2.51
N ALA A 82 10.70 -4.21 2.06
CA ALA A 82 9.80 -5.03 2.90
C ALA A 82 9.12 -6.04 1.97
N ASN A 83 8.92 -7.29 2.42
CA ASN A 83 8.18 -8.27 1.59
C ASN A 83 6.75 -7.80 1.43
N VAL A 84 6.26 -7.78 0.19
CA VAL A 84 4.93 -7.18 -0.09
C VAL A 84 3.99 -8.14 -0.81
N ILE A 85 2.78 -8.31 -0.27
CA ILE A 85 1.70 -9.02 -0.96
C ILE A 85 0.88 -7.94 -1.65
N GLY A 86 0.90 -7.94 -2.98
CA GLY A 86 0.21 -6.93 -3.79
C GLY A 86 -1.24 -7.32 -4.10
N ARG A 87 -1.96 -6.41 -4.76
CA ARG A 87 -3.34 -6.73 -5.16
C ARG A 87 -3.48 -8.06 -5.96
N ASN A 88 -2.47 -8.38 -6.77
CA ASN A 88 -2.55 -9.59 -7.60
C ASN A 88 -2.82 -10.83 -6.77
N LEU A 89 -2.29 -10.88 -5.55
CA LEU A 89 -2.53 -12.04 -4.65
C LEU A 89 -3.64 -11.80 -3.64
N MET A 90 -3.87 -10.54 -3.26
CA MET A 90 -5.03 -10.25 -2.42
C MET A 90 -6.35 -10.62 -3.12
N THR A 91 -6.43 -10.43 -4.44
CA THR A 91 -7.65 -10.89 -5.15
C THR A 91 -7.82 -12.40 -5.03
N GLN A 92 -6.72 -13.14 -5.13
CA GLN A 92 -6.76 -14.59 -5.06
C GLN A 92 -7.29 -15.12 -3.75
N ILE A 93 -6.90 -14.49 -2.64
CA ILE A 93 -7.36 -14.92 -1.33
C ILE A 93 -8.75 -14.35 -0.96
N GLY A 94 -9.29 -13.49 -1.83
CA GLY A 94 -10.61 -12.91 -1.64
C GLY A 94 -10.62 -11.77 -0.65
N CYS A 95 -9.49 -11.06 -0.58
CA CYS A 95 -9.33 -9.96 0.36
C CYS A 95 -9.97 -8.67 -0.18
N THR A 96 -10.83 -8.06 0.65
CA THR A 96 -11.49 -6.81 0.31
C THR A 96 -11.21 -5.76 1.37
N LEU A 97 -11.38 -4.49 0.97
CA LEU A 97 -11.39 -3.37 1.94
C LEU A 97 -12.84 -3.11 2.31
N ASN A 98 -13.09 -2.93 3.61
CA ASN A 98 -14.47 -2.78 4.06
C ASN A 98 -14.61 -1.65 5.07
N PHE A 99 -15.58 -0.77 4.84
CA PHE A 99 -15.89 0.28 5.80
C PHE A 99 -17.33 0.79 5.65
N PRO B 1 -18.61 0.71 2.06
CA PRO B 1 -18.61 -0.19 0.91
C PRO B 1 -17.68 -1.39 1.10
N GLN B 2 -17.83 -2.40 0.26
CA GLN B 2 -16.85 -3.47 0.17
C GLN B 2 -16.12 -3.31 -1.17
N ILE B 3 -14.81 -3.12 -1.11
CA ILE B 3 -14.01 -2.82 -2.31
C ILE B 3 -13.09 -3.99 -2.64
N THR B 4 -13.33 -4.60 -3.80
CA THR B 4 -12.46 -5.67 -4.25
C THR B 4 -11.19 -5.07 -4.89
N LEU B 5 -10.15 -5.89 -5.04
CA LEU B 5 -8.85 -5.32 -5.36
C LEU B 5 -8.37 -5.67 -6.78
N TRP B 6 -9.31 -6.00 -7.67
CA TRP B 6 -8.94 -6.25 -9.08
C TRP B 6 -8.41 -5.02 -9.80
N GLN B 7 -8.89 -3.83 -9.37
CA GLN B 7 -8.35 -2.58 -9.81
C GLN B 7 -7.80 -1.81 -8.59
N ARG B 8 -7.08 -0.73 -8.87
CA ARG B 8 -6.55 0.11 -7.79
C ARG B 8 -7.68 0.73 -7.02
N PRO B 9 -7.64 0.65 -5.67
CA PRO B 9 -8.72 1.17 -4.82
C PRO B 9 -8.67 2.70 -4.67
N ILE B 10 -9.07 3.37 -5.75
CA ILE B 10 -9.09 4.85 -5.80
C ILE B 10 -10.48 5.32 -5.39
N VAL B 11 -10.55 6.26 -4.46
CA VAL B 11 -11.80 6.80 -3.99
C VAL B 11 -11.78 8.34 -4.07
N THR B 12 -12.98 8.92 -4.01
CA THR B 12 -13.15 10.36 -3.96
C THR B 12 -13.01 10.85 -2.53
N ILE B 13 -12.36 11.99 -2.39
CA ILE B 13 -12.15 12.64 -1.10
C ILE B 13 -12.47 14.10 -1.22
N LYS B 14 -12.85 14.70 -0.09
CA LYS B 14 -13.04 16.14 0.01
C LYS B 14 -12.08 16.66 1.06
N ILE B 15 -11.20 17.57 0.63
CA ILE B 15 -10.15 18.11 1.47
C ILE B 15 -9.90 19.57 1.13
N GLY B 16 -9.83 20.41 2.17
CA GLY B 16 -9.55 21.83 2.01
C GLY B 16 -10.45 22.54 1.02
N GLY B 17 -11.69 22.09 0.94
CA GLY B 17 -12.67 22.67 0.00
C GLY B 17 -12.56 22.17 -1.45
N GLN B 18 -11.75 21.15 -1.70
CA GLN B 18 -11.57 20.63 -3.05
C GLN B 18 -12.01 19.17 -3.12
N LEU B 19 -12.46 18.72 -4.29
CA LEU B 19 -12.72 17.30 -4.53
C LEU B 19 -11.47 16.73 -5.17
N LYS B 20 -11.00 15.60 -4.66
CA LYS B 20 -9.82 14.96 -5.19
C LYS B 20 -10.06 13.45 -5.22
N GLU B 21 -9.11 12.73 -5.82
CA GLU B 21 -9.09 11.26 -5.77
C GLU B 21 -7.83 10.80 -5.10
N ALA B 22 -7.92 9.68 -4.38
CA ALA B 22 -6.74 9.14 -3.70
C ALA B 22 -6.85 7.65 -3.58
N LEU B 23 -5.69 7.02 -3.43
CA LEU B 23 -5.57 5.58 -3.38
C LEU B 23 -5.57 5.09 -1.93
N LEU B 24 -6.46 4.15 -1.60
CA LEU B 24 -6.50 3.54 -0.27
C LEU B 24 -5.34 2.58 -0.21
N ASN B 25 -4.31 2.95 0.57
CA ASN B 25 -3.03 2.26 0.55
C ASN B 25 -2.65 1.70 1.91
N THR B 26 -2.91 0.40 2.11
CA THR B 26 -2.63 -0.23 3.39
C THR B 26 -1.12 -0.40 3.63
N GLY B 27 -0.33 -0.22 2.57
CA GLY B 27 1.15 -0.24 2.72
C GLY B 27 1.75 1.06 3.19
N ALA B 28 0.94 2.11 3.28
CA ALA B 28 1.43 3.43 3.67
C ALA B 28 0.98 3.76 5.09
N ASP B 29 1.94 4.18 5.91
CA ASP B 29 1.65 4.57 7.30
C ASP B 29 0.84 5.86 7.30
N ASP B 30 1.21 6.77 6.39
CA ASP B 30 0.71 8.16 6.41
C ASP B 30 -0.04 8.50 5.12
N THR B 31 -0.82 9.58 5.18
CA THR B 31 -1.57 10.11 4.07
C THR B 31 -0.80 11.27 3.45
N VAL B 32 -0.60 11.19 2.14
CA VAL B 32 0.16 12.24 1.44
C VAL B 32 -0.64 12.69 0.23
N LEU B 33 -0.89 13.99 0.15
CA LEU B 33 -1.70 14.54 -0.92
C LEU B 33 -0.96 15.74 -1.52
N GLU B 34 -1.12 15.93 -2.84
CA GLU B 34 -0.49 17.09 -3.49
C GLU B 34 -1.51 18.14 -3.90
N GLU B 35 -1.01 19.37 -4.12
CA GLU B 35 -1.82 20.54 -4.49
C GLU B 35 -3.15 20.70 -3.74
N VAL B 36 -3.01 20.75 -2.43
CA VAL B 36 -4.09 21.15 -1.56
C VAL B 36 -3.56 22.30 -0.74
N ASN B 37 -4.41 23.28 -0.51
CA ASN B 37 -4.04 24.43 0.26
C ASN B 37 -4.85 24.28 1.53
N LEU B 38 -4.16 23.94 2.62
CA LEU B 38 -4.82 23.79 3.92
C LEU B 38 -4.56 25.00 4.79
N PRO B 39 -5.56 25.41 5.58
CA PRO B 39 -5.35 26.53 6.49
C PRO B 39 -4.76 26.05 7.82
N GLY B 40 -4.34 26.95 8.68
CA GLY B 40 -3.87 26.41 9.98
C GLY B 40 -2.42 25.92 9.98
N ARG B 41 -1.97 25.45 11.14
CA ARG B 41 -0.53 25.32 11.35
C ARG B 41 0.04 24.06 10.72
N TRP B 42 1.32 24.13 10.37
CA TRP B 42 2.03 22.97 9.82
C TRP B 42 3.49 22.99 10.29
N LYS B 43 4.14 21.84 10.16
CA LYS B 43 5.58 21.74 10.39
C LYS B 43 6.17 20.86 9.32
N PRO B 44 7.43 21.10 8.93
CA PRO B 44 8.05 20.20 7.94
C PRO B 44 8.29 18.81 8.52
N LYS B 45 8.17 17.80 7.65
CA LYS B 45 8.40 16.41 8.02
C LYS B 45 9.20 15.80 6.87
N LEU B 46 10.21 15.00 7.23
CA LEU B 46 10.94 14.21 6.23
C LEU B 46 10.35 12.82 6.13
N ILE B 47 10.04 12.42 4.91
CA ILE B 47 9.46 11.09 4.64
C ILE B 47 10.27 10.36 3.56
N GLY B 48 9.82 9.15 3.20
CA GLY B 48 10.60 8.28 2.31
C GLY B 48 11.89 7.93 3.02
N GLY B 49 13.02 8.08 2.34
CA GLY B 49 14.31 7.64 2.88
C GLY B 49 15.14 6.82 1.90
N ILE B 50 14.52 6.36 0.82
CA ILE B 50 15.28 5.76 -0.27
C ILE B 50 15.76 6.90 -1.17
N GLY B 51 17.08 6.95 -1.46
CA GLY B 51 17.73 7.93 -2.36
C GLY B 51 17.94 9.35 -1.78
N GLY B 52 17.46 9.50 -0.56
CA GLY B 52 17.42 10.78 0.13
C GLY B 52 16.09 10.78 0.85
N PHE B 53 15.68 11.96 1.32
CA PHE B 53 14.37 12.10 1.92
C PHE B 53 13.58 13.12 1.14
N VAL B 54 12.25 13.05 1.25
CA VAL B 54 11.36 14.07 0.68
C VAL B 54 10.80 14.87 1.86
N LYS B 55 10.77 16.19 1.73
CA LYS B 55 10.23 17.08 2.79
C LYS B 55 8.80 17.45 2.41
N VAL B 56 7.88 17.29 3.36
CA VAL B 56 6.48 17.64 3.15
C VAL B 56 6.03 18.52 4.32
N ARG B 57 4.85 19.09 4.18
CA ARG B 57 4.26 19.89 5.27
C ARG B 57 3.27 18.99 5.99
N GLN B 58 3.48 18.85 7.31
CA GLN B 58 2.60 18.06 8.16
C GLN B 58 1.53 18.95 8.81
N TYR B 59 0.27 18.66 8.49
CA TYR B 59 -0.87 19.34 9.09
C TYR B 59 -1.58 18.33 9.98
N ASP B 60 -1.76 18.67 11.25
CA ASP B 60 -2.46 17.77 12.16
C ASP B 60 -3.95 18.03 12.26
N GLN B 61 -4.70 16.98 12.58
CA GLN B 61 -6.15 17.09 12.86
C GLN B 61 -6.90 17.82 11.75
N VAL B 62 -6.68 17.36 10.53
CA VAL B 62 -7.31 17.94 9.35
C VAL B 62 -8.65 17.25 9.07
N PRO B 63 -9.72 18.05 8.96
CA PRO B 63 -11.00 17.41 8.56
C PRO B 63 -10.93 16.97 7.11
N ILE B 64 -11.33 15.74 6.85
CA ILE B 64 -11.30 15.21 5.50
C ILE B 64 -12.46 14.25 5.36
N GLU B 65 -13.09 14.25 4.21
CA GLU B 65 -14.14 13.30 3.91
C GLU B 65 -13.62 12.30 2.89
N ILE B 66 -13.76 11.01 3.22
CA ILE B 66 -13.20 9.94 2.41
C ILE B 66 -14.33 8.99 2.07
N CYS B 67 -14.69 8.97 0.79
CA CYS B 67 -15.75 8.12 0.32
C CYS B 67 -16.98 8.27 1.22
N GLY B 68 -17.35 9.52 1.51
CA GLY B 68 -18.56 9.84 2.26
C GLY B 68 -18.45 9.86 3.78
N HIS B 69 -17.26 9.51 4.29
CA HIS B 69 -17.03 9.39 5.73
C HIS B 69 -16.23 10.59 6.19
N LYS B 70 -16.83 11.42 7.04
CA LYS B 70 -16.16 12.64 7.54
C LYS B 70 -15.35 12.28 8.77
N VAL B 71 -14.03 12.44 8.65
CA VAL B 71 -13.08 12.09 9.70
C VAL B 71 -12.06 13.21 9.90
N ILE B 72 -11.13 12.95 10.83
CA ILE B 72 -10.05 13.87 11.17
C ILE B 72 -8.76 13.07 11.23
N GLY B 73 -7.70 13.60 10.62
CA GLY B 73 -6.40 12.97 10.77
C GLY B 73 -5.28 13.84 10.22
N THR B 74 -4.06 13.41 10.46
CA THR B 74 -2.88 14.08 9.93
C THR B 74 -2.80 13.91 8.40
N VAL B 75 -2.55 15.01 7.70
CA VAL B 75 -2.38 14.95 6.24
C VAL B 75 -1.02 15.58 5.95
N LEU B 76 -0.19 14.87 5.19
CA LEU B 76 1.10 15.40 4.73
C LEU B 76 0.82 15.97 3.35
N VAL B 77 1.29 17.20 3.10
CA VAL B 77 1.08 17.83 1.81
C VAL B 77 2.41 18.04 1.10
N GLY B 78 2.50 17.48 -0.09
CA GLY B 78 3.69 17.65 -0.90
C GLY B 78 3.60 16.78 -2.12
N PRO B 79 4.66 16.81 -2.95
CA PRO B 79 4.71 16.09 -4.20
C PRO B 79 4.63 14.59 -3.94
N THR B 80 3.73 13.96 -4.63
CA THR B 80 3.59 12.53 -4.50
C THR B 80 3.14 12.05 -5.86
N PRO B 81 3.73 10.95 -6.33
CA PRO B 81 3.31 10.43 -7.62
C PRO B 81 1.83 10.08 -7.66
N ALA B 82 1.25 9.64 -6.54
CA ALA B 82 -0.19 9.34 -6.48
C ALA B 82 -0.69 9.83 -5.12
N ASN B 83 -1.87 10.46 -5.09
CA ASN B 83 -2.46 10.85 -3.78
C ASN B 83 -2.77 9.58 -3.01
N VAL B 84 -2.33 9.54 -1.74
CA VAL B 84 -2.40 8.30 -0.96
C VAL B 84 -3.14 8.51 0.35
N ILE B 85 -4.17 7.67 0.61
CA ILE B 85 -4.81 7.60 1.95
C ILE B 85 -4.07 6.48 2.69
N GLY B 86 -3.33 6.83 3.73
CA GLY B 86 -2.58 5.81 4.49
C GLY B 86 -3.37 5.20 5.64
N ARG B 87 -2.75 4.27 6.36
CA ARG B 87 -3.43 3.64 7.49
C ARG B 87 -3.96 4.66 8.51
N ASN B 88 -3.24 5.76 8.71
CA ASN B 88 -3.65 6.75 9.72
C ASN B 88 -5.11 7.21 9.52
N LEU B 89 -5.56 7.30 8.27
CA LEU B 89 -6.95 7.72 7.98
C LEU B 89 -7.88 6.55 7.71
N MET B 90 -7.35 5.44 7.23
CA MET B 90 -8.18 4.26 7.10
C MET B 90 -8.70 3.79 8.46
N THR B 91 -7.89 3.91 9.51
CA THR B 91 -8.40 3.59 10.85
C THR B 91 -9.60 4.47 11.24
N GLN B 92 -9.51 5.75 10.89
CA GLN B 92 -10.53 6.73 11.24
C GLN B 92 -11.86 6.40 10.60
N ILE B 93 -11.83 5.96 9.33
CA ILE B 93 -13.06 5.60 8.64
C ILE B 93 -13.56 4.18 8.97
N GLY B 94 -12.77 3.45 9.75
CA GLY B 94 -13.10 2.09 10.19
C GLY B 94 -12.90 1.06 9.11
N CYS B 95 -11.90 1.30 8.26
CA CYS B 95 -11.61 0.41 7.15
C CYS B 95 -10.77 -0.77 7.62
N THR B 96 -11.22 -1.98 7.27
CA THR B 96 -10.51 -3.21 7.58
C THR B 96 -10.22 -4.01 6.32
N LEU B 97 -9.25 -4.91 6.41
CA LEU B 97 -9.00 -5.89 5.35
C LEU B 97 -9.74 -7.15 5.77
N ASN B 98 -10.44 -7.76 4.83
CA ASN B 98 -11.26 -8.94 5.17
C ASN B 98 -11.09 -10.05 4.15
N PHE B 99 -10.82 -11.27 4.65
CA PHE B 99 -10.81 -12.45 3.79
C PHE B 99 -11.08 -13.73 4.58
N GLN C 1 2.22 0.28 -10.36
CA GLN C 1 3.18 0.73 -9.29
C GLN C 1 3.03 -0.07 -8.00
N ASN C 2 3.91 0.22 -7.05
CA ASN C 2 4.05 -0.64 -5.88
C ASN C 2 4.44 0.20 -4.67
N TYR C 3 3.66 0.08 -3.59
CA TYR C 3 3.50 1.23 -2.69
C TYR C 3 3.54 1.01 -1.17
N PRO C 4 4.67 0.48 -0.64
CA PRO C 4 4.84 0.60 0.82
C PRO C 4 5.47 1.94 1.18
N ILE C 5 5.44 2.29 2.48
CA ILE C 5 5.96 3.63 2.83
C ILE C 5 5.99 4.00 4.33
N VAL C 6 7.21 4.28 4.80
CA VAL C 6 7.52 4.75 6.16
C VAL C 6 8.45 5.98 6.10
N GLN C 7 8.21 6.95 6.98
CA GLN C 7 9.01 8.19 6.98
C GLN C 7 10.45 8.00 7.45
#